data_7A66
#
_entry.id   7A66
#
_cell.length_a   76.800
_cell.length_b   81.310
_cell.length_c   66.480
_cell.angle_alpha   90.000
_cell.angle_beta   121.590
_cell.angle_gamma   90.000
#
_symmetry.space_group_name_H-M   'C 1 2 1'
#
loop_
_entity.id
_entity.type
_entity.pdbx_description
1 polymer Pcc2
2 non-polymer GLYCEROL
3 water water
#
_entity_poly.entity_id   1
_entity_poly.type   'polypeptide(L)'
_entity_poly.pdbx_seq_one_letter_code
;MKIRAKVELTWEYEDEETAKAIANAVNVDNISIPEKLKKSLNLITFPDGARVVTKVKYEGEIESLVVALDDLIFAIKVAE
EVLW(SEP)H
;
_entity_poly.pdbx_strand_id   A,B,C
#
loop_
_chem_comp.id
_chem_comp.type
_chem_comp.name
_chem_comp.formula
GOL non-polymer GLYCEROL 'C3 H8 O3'
#
# COMPACT_ATOMS: atom_id res chain seq x y z
N LYS A 2 -10.95 -14.05 -6.84
CA LYS A 2 -9.82 -14.47 -6.03
C LYS A 2 -8.50 -14.42 -6.79
N ILE A 3 -7.46 -13.89 -6.15
CA ILE A 3 -6.12 -13.74 -6.73
C ILE A 3 -5.05 -14.18 -5.74
N ARG A 4 -3.90 -14.60 -6.26
CA ARG A 4 -2.72 -14.95 -5.49
C ARG A 4 -1.66 -13.95 -6.00
N ALA A 5 -1.09 -13.14 -5.11
CA ALA A 5 -0.11 -12.12 -5.48
C ALA A 5 1.17 -12.21 -4.68
N LYS A 6 2.29 -12.02 -5.38
CA LYS A 6 3.63 -11.99 -4.82
C LYS A 6 4.23 -10.68 -5.33
N VAL A 7 4.57 -9.78 -4.40
CA VAL A 7 5.09 -8.45 -4.74
C VAL A 7 6.41 -8.17 -4.02
N GLU A 8 7.36 -7.60 -4.75
CA GLU A 8 8.63 -7.18 -4.17
C GLU A 8 8.98 -5.78 -4.64
N LEU A 9 9.14 -4.85 -3.70
CA LEU A 9 9.49 -3.46 -4.02
C LEU A 9 10.87 -3.19 -3.51
N THR A 10 11.67 -2.43 -4.27
CA THR A 10 13.01 -2.07 -3.84
C THR A 10 13.40 -0.66 -4.30
N TRP A 11 14.16 0.01 -3.43
CA TRP A 11 14.70 1.36 -3.63
C TRP A 11 15.96 1.56 -2.76
N GLU A 12 16.77 2.55 -3.11
CA GLU A 12 18.05 2.74 -2.44
C GLU A 12 18.32 4.15 -1.93
N TYR A 13 19.09 4.23 -0.83
CA TYR A 13 19.51 5.50 -0.23
C TYR A 13 21.04 5.65 -0.31
N GLU A 14 21.54 6.87 -0.03
CA GLU A 14 22.98 7.16 -0.03
C GLU A 14 23.68 6.46 1.15
N ASP A 15 22.96 6.21 2.26
CA ASP A 15 23.52 5.59 3.46
C ASP A 15 22.67 4.47 4.08
N GLU A 16 23.34 3.56 4.81
CA GLU A 16 22.76 2.40 5.51
C GLU A 16 21.78 2.80 6.61
N GLU A 17 22.07 3.90 7.35
CA GLU A 17 21.23 4.39 8.45
C GLU A 17 19.83 4.80 7.95
N THR A 18 19.74 5.49 6.79
CA THR A 18 18.46 5.88 6.20
C THR A 18 17.65 4.61 5.83
N ALA A 19 18.32 3.61 5.19
CA ALA A 19 17.69 2.35 4.80
C ALA A 19 17.12 1.61 6.01
N LYS A 20 17.90 1.56 7.12
CA LYS A 20 17.50 0.93 8.37
C LYS A 20 16.30 1.65 8.99
N ALA A 21 16.30 3.00 8.98
CA ALA A 21 15.21 3.83 9.53
C ALA A 21 13.90 3.64 8.72
N ILE A 22 13.98 3.72 7.37
CA ILE A 22 12.83 3.54 6.47
C ILE A 22 12.26 2.12 6.60
N ALA A 23 13.14 1.08 6.59
CA ALA A 23 12.71 -0.32 6.71
C ALA A 23 11.93 -0.59 8.00
N ASN A 24 12.41 -0.03 9.12
CA ASN A 24 11.72 -0.18 10.42
C ASN A 24 10.37 0.57 10.42
N ALA A 25 10.33 1.78 9.83
CA ALA A 25 9.15 2.64 9.77
C ALA A 25 7.93 2.03 9.11
N VAL A 26 8.14 1.28 8.02
CA VAL A 26 7.04 0.74 7.25
C VAL A 26 6.59 -0.65 7.73
N ASN A 27 6.92 -1.02 8.99
CA ASN A 27 6.44 -2.28 9.58
C ASN A 27 4.89 -2.32 9.48
N VAL A 28 4.32 -3.49 9.12
CA VAL A 28 2.87 -3.71 8.94
C VAL A 28 2.05 -3.24 10.19
N ASP A 29 2.65 -3.31 11.40
CA ASP A 29 2.04 -2.88 12.66
C ASP A 29 1.68 -1.38 12.65
N ASN A 30 2.42 -0.57 11.87
CA ASN A 30 2.23 0.90 11.78
C ASN A 30 1.24 1.34 10.70
N ILE A 31 0.90 0.43 9.76
CA ILE A 31 0.10 0.77 8.58
C ILE A 31 -1.41 0.63 8.84
N SER A 32 -2.20 1.63 8.36
CA SER A 32 -3.67 1.68 8.54
C SER A 32 -4.46 0.70 7.62
N ILE A 33 -3.96 -0.54 7.45
CA ILE A 33 -4.67 -1.59 6.71
C ILE A 33 -5.75 -2.16 7.69
N PRO A 34 -7.03 -2.41 7.27
CA PRO A 34 -7.99 -3.03 8.22
C PRO A 34 -7.40 -4.31 8.81
N GLU A 35 -7.47 -4.44 10.15
CA GLU A 35 -6.89 -5.56 10.89
C GLU A 35 -7.29 -6.92 10.32
N LYS A 36 -8.54 -7.05 9.81
CA LYS A 36 -9.04 -8.27 9.17
C LYS A 36 -8.20 -8.62 7.92
N LEU A 37 -7.87 -7.61 7.07
CA LEU A 37 -7.04 -7.78 5.86
C LEU A 37 -5.59 -8.16 6.25
N LYS A 38 -5.05 -7.58 7.35
CA LYS A 38 -3.70 -7.87 7.87
C LYS A 38 -3.50 -9.35 8.20
N LYS A 39 -4.57 -10.01 8.69
CA LYS A 39 -4.58 -11.43 9.07
C LYS A 39 -4.25 -12.36 7.89
N SER A 40 -4.72 -12.00 6.67
CA SER A 40 -4.51 -12.76 5.44
C SER A 40 -3.45 -12.10 4.52
N LEU A 41 -2.47 -11.42 5.14
CA LEU A 41 -1.43 -10.72 4.41
C LEU A 41 -0.08 -11.01 5.03
N ASN A 42 0.92 -11.29 4.18
CA ASN A 42 2.28 -11.52 4.62
C ASN A 42 3.10 -10.33 4.08
N LEU A 43 3.45 -9.41 4.98
CA LEU A 43 4.17 -8.19 4.64
C LEU A 43 5.41 -8.00 5.51
N ILE A 44 6.59 -8.01 4.88
CA ILE A 44 7.88 -7.83 5.56
C ILE A 44 8.74 -6.80 4.79
N THR A 45 9.42 -5.93 5.54
CA THR A 45 10.36 -4.94 5.00
C THR A 45 11.68 -5.04 5.78
N PHE A 46 12.81 -5.09 5.06
CA PHE A 46 14.14 -5.21 5.68
C PHE A 46 15.21 -4.39 4.94
N PRO A 47 16.24 -3.87 5.64
CA PRO A 47 17.32 -3.17 4.93
C PRO A 47 18.38 -4.16 4.42
N ASP A 48 19.00 -3.87 3.27
CA ASP A 48 20.08 -4.67 2.69
C ASP A 48 21.13 -3.67 2.26
N GLY A 49 21.98 -3.29 3.22
CA GLY A 49 22.96 -2.25 3.04
C GLY A 49 22.24 -0.92 3.02
N ALA A 50 22.38 -0.16 1.92
CA ALA A 50 21.73 1.14 1.71
C ALA A 50 20.36 0.98 0.98
N ARG A 51 20.00 -0.28 0.65
CA ARG A 51 18.74 -0.57 -0.05
C ARG A 51 17.63 -1.05 0.90
N VAL A 52 16.36 -0.74 0.54
CA VAL A 52 15.20 -1.22 1.29
C VAL A 52 14.47 -2.24 0.41
N VAL A 53 14.06 -3.37 0.98
CA VAL A 53 13.34 -4.42 0.26
C VAL A 53 12.01 -4.70 1.00
N THR A 54 10.88 -4.57 0.27
CA THR A 54 9.54 -4.88 0.79
C THR A 54 9.01 -6.10 0.03
N LYS A 55 8.59 -7.12 0.77
CA LYS A 55 8.02 -8.35 0.23
C LYS A 55 6.58 -8.55 0.73
N VAL A 56 5.66 -8.71 -0.22
CA VAL A 56 4.24 -8.91 0.05
C VAL A 56 3.77 -10.22 -0.58
N LYS A 57 3.05 -11.02 0.19
CA LYS A 57 2.39 -12.22 -0.30
C LYS A 57 0.95 -12.09 0.18
N TYR A 58 0.00 -12.28 -0.75
CA TYR A 58 -1.43 -12.15 -0.45
C TYR A 58 -2.24 -13.11 -1.30
N GLU A 59 -3.34 -13.62 -0.73
CA GLU A 59 -4.31 -14.50 -1.39
C GLU A 59 -5.69 -14.09 -0.89
N GLY A 60 -6.57 -13.72 -1.81
CA GLY A 60 -7.91 -13.26 -1.50
C GLY A 60 -8.53 -12.47 -2.63
N GLU A 61 -9.51 -11.62 -2.30
CA GLU A 61 -10.23 -10.79 -3.29
C GLU A 61 -9.35 -9.69 -3.88
N ILE A 62 -9.59 -9.37 -5.14
CA ILE A 62 -8.87 -8.33 -5.90
C ILE A 62 -8.93 -6.95 -5.19
N GLU A 63 -10.13 -6.50 -4.76
CA GLU A 63 -10.34 -5.21 -4.08
C GLU A 63 -9.47 -5.06 -2.83
N SER A 64 -9.32 -6.15 -2.05
CA SER A 64 -8.51 -6.13 -0.82
C SER A 64 -7.01 -6.00 -1.13
N LEU A 65 -6.55 -6.54 -2.31
CA LEU A 65 -5.15 -6.42 -2.73
C LEU A 65 -4.80 -4.96 -3.00
N VAL A 66 -5.67 -4.24 -3.74
CA VAL A 66 -5.52 -2.83 -4.10
C VAL A 66 -5.48 -1.96 -2.82
N VAL A 67 -6.39 -2.23 -1.85
CA VAL A 67 -6.45 -1.53 -0.55
C VAL A 67 -5.12 -1.70 0.17
N ALA A 68 -4.66 -2.97 0.30
CA ALA A 68 -3.43 -3.33 0.96
C ALA A 68 -2.23 -2.58 0.36
N LEU A 69 -2.09 -2.65 -0.97
CA LEU A 69 -0.98 -2.02 -1.68
C LEU A 69 -1.03 -0.50 -1.60
N ASP A 70 -2.23 0.12 -1.74
CA ASP A 70 -2.40 1.59 -1.60
C ASP A 70 -1.94 2.04 -0.21
N ASP A 71 -2.32 1.29 0.86
CA ASP A 71 -1.92 1.63 2.22
C ASP A 71 -0.39 1.54 2.38
N LEU A 72 0.20 0.47 1.84
CA LEU A 72 1.65 0.24 1.90
C LEU A 72 2.43 1.38 1.22
N ILE A 73 2.05 1.71 -0.02
CA ILE A 73 2.70 2.75 -0.82
C ILE A 73 2.59 4.10 -0.12
N PHE A 74 1.41 4.41 0.48
CA PHE A 74 1.24 5.64 1.25
C PHE A 74 2.22 5.66 2.45
N ALA A 75 2.31 4.55 3.22
CA ALA A 75 3.22 4.42 4.37
C ALA A 75 4.69 4.65 3.95
N ILE A 76 5.13 4.01 2.84
CA ILE A 76 6.50 4.13 2.29
C ILE A 76 6.78 5.58 1.93
N LYS A 77 5.88 6.21 1.15
CA LYS A 77 6.01 7.59 0.68
C LYS A 77 6.10 8.60 1.84
N VAL A 78 5.23 8.45 2.86
CA VAL A 78 5.23 9.35 4.04
C VAL A 78 6.50 9.11 4.88
N ALA A 79 6.92 7.83 5.07
CA ALA A 79 8.16 7.50 5.81
C ALA A 79 9.35 8.22 5.14
N GLU A 80 9.46 8.14 3.80
CA GLU A 80 10.51 8.81 3.03
C GLU A 80 10.46 10.34 3.24
N GLU A 81 9.26 10.95 3.10
CA GLU A 81 9.06 12.38 3.26
C GLU A 81 9.46 12.89 4.65
N VAL A 82 9.05 12.18 5.71
CA VAL A 82 9.29 12.64 7.10
C VAL A 82 10.69 12.26 7.63
N LEU A 83 11.11 10.99 7.46
CA LEU A 83 12.38 10.48 8.03
C LEU A 83 13.64 10.62 7.17
N TRP A 84 13.48 10.66 5.84
CA TRP A 84 14.60 10.79 4.89
C TRP A 84 14.54 12.12 4.14
N MET B 1 -21.75 14.88 0.77
CA MET B 1 -21.32 14.19 -0.45
C MET B 1 -20.01 13.41 -0.23
N LYS B 2 -19.66 12.54 -1.19
CA LYS B 2 -18.39 11.79 -1.16
C LYS B 2 -17.28 12.77 -1.58
N ILE B 3 -16.11 12.67 -0.93
CA ILE B 3 -14.92 13.48 -1.22
C ILE B 3 -13.66 12.64 -1.34
N ARG B 4 -12.60 13.28 -1.83
CA ARG B 4 -11.22 12.81 -1.84
C ARG B 4 -10.47 13.90 -1.10
N ALA B 5 -9.75 13.51 -0.06
CA ALA B 5 -9.06 14.47 0.79
C ALA B 5 -7.64 14.07 1.15
N LYS B 6 -6.80 15.09 1.38
CA LYS B 6 -5.43 14.88 1.85
C LYS B 6 -5.27 15.86 3.00
N VAL B 7 -4.69 15.38 4.10
CA VAL B 7 -4.47 16.20 5.30
C VAL B 7 -3.04 15.98 5.79
N GLU B 8 -2.37 17.06 6.20
CA GLU B 8 -1.06 16.98 6.86
C GLU B 8 -1.18 17.81 8.14
N LEU B 9 -0.78 17.24 9.28
CA LEU B 9 -0.81 17.92 10.59
C LEU B 9 0.56 17.83 11.22
N THR B 10 1.06 18.95 11.77
CA THR B 10 2.37 19.00 12.44
C THR B 10 2.26 19.69 13.81
N TRP B 11 2.88 19.09 14.82
CA TRP B 11 2.91 19.66 16.16
C TRP B 11 4.26 19.35 16.81
N GLU B 12 4.60 20.03 17.91
CA GLU B 12 5.91 19.86 18.54
C GLU B 12 5.86 19.63 20.04
N TYR B 13 6.73 18.75 20.53
CA TYR B 13 6.90 18.48 21.95
C TYR B 13 8.24 19.11 22.41
N GLU B 14 8.50 19.10 23.74
CA GLU B 14 9.69 19.69 24.35
C GLU B 14 11.01 18.97 23.97
N ASP B 15 10.92 17.68 23.60
CA ASP B 15 12.10 16.87 23.21
C ASP B 15 11.78 15.78 22.18
N GLU B 16 12.84 15.23 21.55
CA GLU B 16 12.75 14.16 20.54
C GLU B 16 12.18 12.86 21.08
N GLU B 17 12.51 12.52 22.34
CA GLU B 17 12.05 11.30 23.01
C GLU B 17 10.52 11.26 23.13
N THR B 18 9.90 12.42 23.46
CA THR B 18 8.44 12.52 23.57
C THR B 18 7.82 12.35 22.17
N ALA B 19 8.32 13.12 21.16
CA ALA B 19 7.87 13.07 19.77
C ALA B 19 7.88 11.62 19.23
N LYS B 20 9.00 10.90 19.43
CA LYS B 20 9.16 9.51 19.03
C LYS B 20 8.12 8.59 19.71
N ALA B 21 7.99 8.68 21.05
CA ALA B 21 7.06 7.87 21.84
C ALA B 21 5.59 8.09 21.40
N ILE B 22 5.18 9.36 21.15
CA ILE B 22 3.81 9.67 20.72
C ILE B 22 3.55 9.15 19.31
N ALA B 23 4.44 9.47 18.33
CA ALA B 23 4.28 9.02 16.94
C ALA B 23 4.14 7.49 16.84
N ASN B 24 5.02 6.76 17.56
CA ASN B 24 5.02 5.30 17.61
C ASN B 24 3.70 4.75 18.21
N ALA B 25 3.24 5.29 19.35
CA ALA B 25 2.00 4.88 20.02
C ALA B 25 0.76 5.08 19.10
N VAL B 26 0.67 6.26 18.44
CA VAL B 26 -0.47 6.57 17.56
C VAL B 26 -0.53 5.58 16.37
N ASN B 27 0.65 5.24 15.79
CA ASN B 27 0.76 4.27 14.69
C ASN B 27 0.24 2.87 15.05
N VAL B 28 0.41 2.44 16.31
CA VAL B 28 0.01 1.09 16.75
C VAL B 28 -1.33 1.06 17.53
N ASP B 29 -2.00 2.22 17.68
CA ASP B 29 -3.29 2.29 18.36
C ASP B 29 -4.36 1.57 17.49
N ASN B 30 -4.80 0.37 17.94
CA ASN B 30 -5.80 -0.38 17.18
C ASN B 30 -7.25 -0.17 17.69
N ILE B 31 -7.52 0.91 18.45
CA ILE B 31 -8.85 1.19 19.00
C ILE B 31 -9.47 2.51 18.48
N SER B 32 -8.76 3.64 18.60
CA SER B 32 -9.26 4.98 18.32
C SER B 32 -9.96 5.12 16.97
N ILE B 33 -9.28 4.70 15.89
CA ILE B 33 -9.86 4.71 14.55
C ILE B 33 -10.65 3.40 14.32
N PRO B 34 -11.97 3.46 14.00
CA PRO B 34 -12.71 2.21 13.75
C PRO B 34 -12.26 1.51 12.46
N GLU B 35 -12.43 0.17 12.43
CA GLU B 35 -12.05 -0.68 11.31
C GLU B 35 -12.74 -0.29 9.99
N LYS B 36 -14.04 0.07 10.05
CA LYS B 36 -14.81 0.48 8.87
C LYS B 36 -14.12 1.66 8.14
N LEU B 37 -13.62 2.65 8.90
CA LEU B 37 -12.94 3.82 8.34
C LEU B 37 -11.62 3.47 7.62
N LYS B 38 -10.89 2.45 8.13
CA LYS B 38 -9.60 1.98 7.56
C LYS B 38 -9.70 1.45 6.13
N LYS B 39 -10.91 1.09 5.66
CA LYS B 39 -11.09 0.60 4.30
C LYS B 39 -10.76 1.70 3.26
N SER B 40 -10.97 2.98 3.61
CA SER B 40 -10.74 4.10 2.69
C SER B 40 -9.93 5.26 3.33
N LEU B 41 -9.12 4.94 4.35
CA LEU B 41 -8.28 5.91 5.04
C LEU B 41 -6.82 5.43 5.04
N ASN B 42 -5.90 6.27 4.57
CA ASN B 42 -4.45 5.97 4.67
C ASN B 42 -3.96 6.98 5.71
N LEU B 43 -3.39 6.51 6.81
CA LEU B 43 -2.99 7.41 7.89
C LEU B 43 -1.74 6.88 8.57
N ILE B 44 -0.73 7.76 8.76
CA ILE B 44 0.53 7.39 9.41
C ILE B 44 1.15 8.59 10.07
N THR B 45 1.89 8.35 11.16
CA THR B 45 2.49 9.37 11.99
C THR B 45 3.96 9.05 12.25
N PHE B 46 4.84 10.02 12.00
CA PHE B 46 6.28 9.85 12.22
C PHE B 46 6.91 11.06 12.91
N PRO B 47 7.95 10.85 13.75
CA PRO B 47 8.62 12.00 14.35
C PRO B 47 9.69 12.58 13.42
N ASP B 48 9.95 13.86 13.59
CA ASP B 48 11.00 14.62 12.89
C ASP B 48 11.59 15.54 13.96
N GLY B 49 12.58 15.01 14.68
CA GLY B 49 13.19 15.70 15.82
C GLY B 49 12.18 15.78 16.95
N ALA B 50 11.92 16.99 17.45
CA ALA B 50 10.95 17.19 18.52
C ALA B 50 9.52 17.36 17.94
N ARG B 51 9.41 17.36 16.60
CA ARG B 51 8.13 17.52 15.90
C ARG B 51 7.47 16.17 15.59
N VAL B 52 6.13 16.16 15.49
CA VAL B 52 5.36 15.01 15.07
C VAL B 52 4.62 15.42 13.78
N VAL B 53 4.62 14.54 12.77
CA VAL B 53 3.93 14.77 11.49
C VAL B 53 2.93 13.62 11.22
N THR B 54 1.64 13.94 11.01
CA THR B 54 0.63 12.94 10.61
C THR B 54 0.19 13.31 9.19
N LYS B 55 0.15 12.31 8.29
CA LYS B 55 -0.33 12.51 6.94
C LYS B 55 -1.53 11.60 6.74
N VAL B 56 -2.56 12.10 6.05
CA VAL B 56 -3.84 11.43 5.84
C VAL B 56 -4.26 11.54 4.37
N LYS B 57 -4.80 10.44 3.83
CA LYS B 57 -5.41 10.37 2.51
C LYS B 57 -6.74 9.67 2.73
N TYR B 58 -7.80 10.26 2.23
CA TYR B 58 -9.14 9.78 2.51
C TYR B 58 -10.08 9.85 1.33
N GLU B 59 -10.99 8.88 1.25
CA GLU B 59 -12.04 8.85 0.25
C GLU B 59 -13.32 8.31 0.89
N GLY B 60 -14.38 9.10 0.82
CA GLY B 60 -15.68 8.75 1.39
C GLY B 60 -16.47 9.98 1.75
N GLU B 61 -17.56 9.79 2.54
CA GLU B 61 -18.45 10.86 3.00
C GLU B 61 -17.66 11.93 3.73
N ILE B 62 -17.93 13.21 3.39
CA ILE B 62 -17.21 14.35 4.00
C ILE B 62 -17.26 14.30 5.55
N GLU B 63 -18.41 13.90 6.12
CA GLU B 63 -18.62 13.83 7.58
C GLU B 63 -17.66 12.85 8.24
N SER B 64 -17.33 11.74 7.53
CA SER B 64 -16.42 10.73 8.05
C SER B 64 -14.96 11.21 8.11
N LEU B 65 -14.61 12.25 7.33
CA LEU B 65 -13.27 12.84 7.42
C LEU B 65 -13.17 13.52 8.81
N VAL B 66 -14.22 14.26 9.21
CA VAL B 66 -14.30 14.96 10.50
C VAL B 66 -14.26 13.93 11.64
N VAL B 67 -15.02 12.82 11.50
CA VAL B 67 -15.04 11.72 12.48
C VAL B 67 -13.60 11.17 12.63
N ALA B 68 -12.91 10.90 11.50
CA ALA B 68 -11.52 10.41 11.49
C ALA B 68 -10.56 11.35 12.23
N LEU B 69 -10.66 12.67 11.95
CA LEU B 69 -9.83 13.67 12.61
C LEU B 69 -10.09 13.74 14.11
N ASP B 70 -11.39 13.67 14.53
CA ASP B 70 -11.78 13.66 15.94
C ASP B 70 -11.17 12.43 16.63
N ASP B 71 -11.20 11.25 15.94
CA ASP B 71 -10.64 10.01 16.49
C ASP B 71 -9.13 10.12 16.63
N LEU B 72 -8.45 10.78 15.65
CA LEU B 72 -7.01 11.04 15.70
C LEU B 72 -6.66 11.97 16.90
N ILE B 73 -7.45 13.03 17.12
CA ILE B 73 -7.27 13.96 18.26
C ILE B 73 -7.30 13.11 19.56
N PHE B 74 -8.31 12.26 19.69
CA PHE B 74 -8.46 11.34 20.82
C PHE B 74 -7.23 10.42 20.94
N ALA B 75 -6.81 9.80 19.82
CA ALA B 75 -5.63 8.92 19.78
C ALA B 75 -4.35 9.60 20.33
N ILE B 76 -4.10 10.87 19.92
CA ILE B 76 -2.97 11.67 20.39
C ILE B 76 -3.09 11.89 21.92
N LYS B 77 -4.27 12.29 22.42
CA LYS B 77 -4.53 12.51 23.85
C LYS B 77 -4.33 11.23 24.67
N VAL B 78 -4.77 10.09 24.12
CA VAL B 78 -4.59 8.77 24.75
C VAL B 78 -3.09 8.48 24.94
N ALA B 79 -2.27 8.67 23.87
CA ALA B 79 -0.81 8.44 23.89
C ALA B 79 -0.12 9.39 24.86
N GLU B 80 -0.58 10.66 24.90
CA GLU B 80 -0.02 11.66 25.81
C GLU B 80 -0.28 11.30 27.27
N GLU B 81 -1.50 10.82 27.60
CA GLU B 81 -1.89 10.40 28.96
C GLU B 81 -1.07 9.18 29.45
N VAL B 82 -0.92 8.15 28.57
CA VAL B 82 -0.14 6.94 28.84
C VAL B 82 1.30 7.36 29.19
N LEU B 83 1.90 8.25 28.36
CA LEU B 83 3.26 8.76 28.54
C LEU B 83 3.42 9.55 29.84
N TRP B 84 2.43 10.40 30.18
CA TRP B 84 2.43 11.20 31.41
C TRP B 84 2.40 10.30 32.65
N SEP B 85 1.62 9.20 32.60
CA SEP B 85 1.47 8.21 33.68
CB SEP B 85 0.12 7.48 33.55
OG SEP B 85 -0.89 8.51 33.42
C SEP B 85 2.65 7.22 33.74
O SEP B 85 2.72 6.41 34.66
P SEP B 85 -2.31 8.16 33.90
O1P SEP B 85 -2.24 8.01 35.42
O2P SEP B 85 -2.89 6.97 33.15
O3P SEP B 85 -3.25 9.35 33.74
N HIS B 86 3.60 7.31 32.76
CA HIS B 86 4.80 6.48 32.60
C HIS B 86 4.47 5.03 32.31
N MET C 1 9.23 9.71 -5.83
CA MET C 1 9.98 8.59 -5.30
C MET C 1 10.01 7.43 -6.32
N LYS C 2 11.18 7.15 -6.91
CA LYS C 2 11.31 6.09 -7.89
C LYS C 2 11.60 4.73 -7.23
N ILE C 3 10.93 3.68 -7.71
CA ILE C 3 11.13 2.32 -7.18
C ILE C 3 11.21 1.30 -8.31
N ARG C 4 11.68 0.10 -7.97
CA ARG C 4 11.67 -1.05 -8.85
C ARG C 4 10.73 -2.07 -8.19
N ALA C 5 9.81 -2.62 -8.97
CA ALA C 5 8.85 -3.59 -8.46
C ALA C 5 8.81 -4.83 -9.35
N LYS C 6 8.65 -5.98 -8.71
CA LYS C 6 8.48 -7.30 -9.35
C LYS C 6 7.12 -7.77 -8.83
N VAL C 7 6.23 -8.14 -9.73
CA VAL C 7 4.89 -8.58 -9.32
C VAL C 7 4.52 -9.86 -10.09
N GLU C 8 3.97 -10.84 -9.38
CA GLU C 8 3.42 -12.05 -9.98
C GLU C 8 1.98 -12.18 -9.48
N LEU C 9 1.02 -12.16 -10.42
CA LEU C 9 -0.41 -12.31 -10.14
C LEU C 9 -0.87 -13.63 -10.76
N THR C 10 -1.53 -14.46 -9.94
CA THR C 10 -2.02 -15.78 -10.33
C THR C 10 -3.50 -15.93 -9.96
N TRP C 11 -4.30 -16.34 -10.93
CA TRP C 11 -5.72 -16.60 -10.73
C TRP C 11 -6.11 -17.89 -11.43
N GLU C 12 -7.18 -18.52 -10.96
CA GLU C 12 -7.58 -19.84 -11.42
C GLU C 12 -8.93 -19.88 -12.12
N TYR C 13 -9.00 -20.73 -13.16
CA TYR C 13 -10.21 -21.02 -13.94
C TYR C 13 -10.54 -22.51 -13.79
N GLU C 14 -11.78 -22.89 -14.15
CA GLU C 14 -12.29 -24.26 -14.06
C GLU C 14 -11.43 -25.30 -14.80
N ASP C 15 -10.88 -24.94 -15.98
CA ASP C 15 -10.09 -25.86 -16.79
C ASP C 15 -8.88 -25.22 -17.49
N GLU C 16 -7.99 -26.08 -18.04
CA GLU C 16 -6.78 -25.71 -18.77
C GLU C 16 -7.07 -24.93 -20.06
N GLU C 17 -8.18 -25.27 -20.76
CA GLU C 17 -8.60 -24.63 -22.01
C GLU C 17 -9.00 -23.17 -21.79
N THR C 18 -9.73 -22.88 -20.69
CA THR C 18 -10.18 -21.53 -20.31
C THR C 18 -8.93 -20.68 -19.97
N ALA C 19 -8.00 -21.23 -19.16
CA ALA C 19 -6.74 -20.60 -18.75
C ALA C 19 -5.88 -20.22 -19.97
N LYS C 20 -5.78 -21.14 -20.95
CA LYS C 20 -5.05 -20.93 -22.20
C LYS C 20 -5.67 -19.80 -23.00
N ALA C 21 -7.01 -19.75 -23.11
CA ALA C 21 -7.74 -18.72 -23.86
C ALA C 21 -7.57 -17.34 -23.21
N ILE C 22 -7.69 -17.27 -21.86
CA ILE C 22 -7.51 -16.00 -21.13
C ILE C 22 -6.09 -15.48 -21.26
N ALA C 23 -5.07 -16.34 -21.03
CA ALA C 23 -3.66 -15.98 -21.09
C ALA C 23 -3.20 -15.38 -22.42
N ASN C 24 -3.71 -15.91 -23.54
CA ASN C 24 -3.38 -15.43 -24.89
C ASN C 24 -4.04 -14.08 -25.19
N ALA C 25 -5.25 -13.85 -24.66
CA ALA C 25 -6.08 -12.66 -24.84
C ALA C 25 -5.71 -11.44 -23.99
N VAL C 26 -5.09 -11.63 -22.79
CA VAL C 26 -4.72 -10.53 -21.89
C VAL C 26 -3.72 -9.57 -22.58
N ASN C 27 -4.15 -8.32 -22.80
CA ASN C 27 -3.36 -7.28 -23.46
C ASN C 27 -3.69 -5.90 -22.91
N VAL C 28 -2.71 -5.29 -22.23
CA VAL C 28 -2.82 -3.97 -21.60
C VAL C 28 -2.90 -2.82 -22.67
N ASP C 29 -2.38 -3.06 -23.90
CA ASP C 29 -2.42 -2.10 -25.00
C ASP C 29 -3.85 -1.85 -25.49
N ASN C 30 -4.71 -2.87 -25.37
CA ASN C 30 -6.11 -2.81 -25.78
C ASN C 30 -7.05 -2.15 -24.75
N ILE C 31 -6.54 -1.78 -23.56
CA ILE C 31 -7.36 -1.13 -22.55
C ILE C 31 -6.91 0.33 -22.30
N SER C 32 -6.24 0.92 -23.31
CA SER C 32 -5.78 2.32 -23.34
C SER C 32 -4.95 2.75 -22.11
N ILE C 33 -3.92 1.95 -21.76
CA ILE C 33 -3.00 2.33 -20.67
C ILE C 33 -2.20 3.58 -21.16
N PRO C 34 -2.06 4.66 -20.37
CA PRO C 34 -1.30 5.83 -20.85
C PRO C 34 0.15 5.48 -21.18
N GLU C 35 0.69 6.07 -22.28
CA GLU C 35 2.04 5.84 -22.80
C GLU C 35 3.14 6.01 -21.74
N LYS C 36 3.00 7.03 -20.85
CA LYS C 36 3.93 7.33 -19.75
C LYS C 36 4.02 6.16 -18.78
N LEU C 37 2.86 5.51 -18.52
CA LEU C 37 2.74 4.36 -17.66
C LEU C 37 3.24 3.09 -18.36
N LYS C 38 2.82 2.84 -19.63
CA LYS C 38 3.27 1.69 -20.43
C LYS C 38 4.80 1.60 -20.54
N LYS C 39 5.49 2.76 -20.66
CA LYS C 39 6.95 2.86 -20.73
C LYS C 39 7.65 2.45 -19.40
N SER C 40 6.93 2.48 -18.27
CA SER C 40 7.47 2.13 -16.96
C SER C 40 7.37 0.62 -16.66
N LEU C 41 6.70 -0.16 -17.53
CA LEU C 41 6.50 -1.55 -17.19
C LEU C 41 6.62 -2.52 -18.33
N ASN C 42 7.04 -3.75 -17.98
CA ASN C 42 7.16 -4.87 -18.89
C ASN C 42 6.37 -6.00 -18.25
N LEU C 43 5.66 -6.76 -19.07
CA LEU C 43 4.93 -7.90 -18.53
C LEU C 43 4.71 -9.00 -19.55
N ILE C 44 4.49 -10.20 -19.02
CA ILE C 44 4.11 -11.41 -19.75
C ILE C 44 2.94 -12.07 -19.01
N THR C 45 2.02 -12.68 -19.76
CA THR C 45 0.89 -13.43 -19.25
C THR C 45 0.93 -14.81 -19.91
N PHE C 46 0.89 -15.87 -19.10
CA PHE C 46 0.99 -17.24 -19.60
C PHE C 46 0.14 -18.25 -18.81
N PRO C 47 -0.31 -19.36 -19.44
CA PRO C 47 -1.08 -20.36 -18.67
C PRO C 47 -0.16 -21.32 -17.92
N ASP C 48 -0.65 -21.85 -16.81
CA ASP C 48 0.05 -22.82 -15.97
C ASP C 48 -1.04 -23.74 -15.43
N GLY C 49 -1.40 -24.73 -16.24
CA GLY C 49 -2.50 -25.65 -15.96
C GLY C 49 -3.80 -24.93 -16.14
N ALA C 50 -4.67 -24.95 -15.12
CA ALA C 50 -5.94 -24.25 -15.11
C ALA C 50 -5.76 -22.81 -14.54
N ARG C 51 -4.50 -22.41 -14.24
CA ARG C 51 -4.16 -21.08 -13.71
C ARG C 51 -3.58 -20.16 -14.79
N VAL C 52 -3.73 -18.84 -14.59
CA VAL C 52 -3.16 -17.82 -15.47
C VAL C 52 -2.20 -17.01 -14.59
N VAL C 53 -0.99 -16.78 -15.09
CA VAL C 53 0.05 -16.05 -14.38
C VAL C 53 0.47 -14.83 -15.18
N THR C 54 0.50 -13.65 -14.53
CA THR C 54 1.03 -12.44 -15.13
C THR C 54 2.29 -12.07 -14.32
N LYS C 55 3.42 -11.94 -15.02
CA LYS C 55 4.68 -11.57 -14.39
C LYS C 55 5.04 -10.16 -14.88
N VAL C 56 5.23 -9.23 -13.93
CA VAL C 56 5.50 -7.81 -14.15
C VAL C 56 6.85 -7.36 -13.56
N LYS C 57 7.55 -6.45 -14.27
CA LYS C 57 8.73 -5.71 -13.82
C LYS C 57 8.38 -4.25 -14.09
N TYR C 58 8.44 -3.45 -13.05
CA TYR C 58 8.05 -2.06 -13.07
C TYR C 58 9.21 -1.20 -12.56
N GLU C 59 9.47 -0.07 -13.24
CA GLU C 59 10.43 0.95 -12.81
C GLU C 59 9.83 2.32 -13.04
N GLY C 60 9.57 3.03 -11.98
CA GLY C 60 8.96 4.36 -12.06
C GLY C 60 8.50 4.87 -10.73
N GLU C 61 7.72 5.93 -10.76
CA GLU C 61 7.17 6.59 -9.56
C GLU C 61 6.33 5.61 -8.75
N ILE C 62 6.56 5.53 -7.42
CA ILE C 62 5.89 4.58 -6.53
C ILE C 62 4.35 4.74 -6.59
N GLU C 63 3.88 6.00 -6.72
CA GLU C 63 2.47 6.40 -6.77
C GLU C 63 1.72 5.86 -8.02
N SER C 64 2.46 5.41 -9.07
CA SER C 64 1.83 4.89 -10.29
C SER C 64 1.81 3.36 -10.37
N LEU C 65 2.49 2.67 -9.44
CA LEU C 65 2.51 1.20 -9.44
C LEU C 65 1.11 0.59 -9.34
N VAL C 66 0.30 1.02 -8.35
CA VAL C 66 -1.05 0.45 -8.14
C VAL C 66 -1.98 0.78 -9.33
N VAL C 67 -1.82 1.98 -9.94
CA VAL C 67 -2.57 2.39 -11.15
C VAL C 67 -2.31 1.34 -12.27
N ALA C 68 -1.01 1.02 -12.51
CA ALA C 68 -0.58 0.03 -13.50
C ALA C 68 -1.19 -1.36 -13.17
N LEU C 69 -1.11 -1.77 -11.91
CA LEU C 69 -1.68 -3.08 -11.50
C LEU C 69 -3.21 -3.13 -11.69
N ASP C 70 -3.90 -2.01 -11.40
CA ASP C 70 -5.35 -1.86 -11.56
C ASP C 70 -5.70 -2.02 -13.05
N ASP C 71 -4.87 -1.46 -13.95
CA ASP C 71 -5.03 -1.55 -15.42
C ASP C 71 -4.91 -2.99 -15.87
N LEU C 72 -3.92 -3.72 -15.31
CA LEU C 72 -3.69 -5.14 -15.59
C LEU C 72 -4.91 -5.98 -15.17
N ILE C 73 -5.42 -5.74 -13.96
CA ILE C 73 -6.60 -6.41 -13.40
C ILE C 73 -7.81 -6.16 -14.34
N PHE C 74 -7.98 -4.91 -14.78
CA PHE C 74 -9.03 -4.52 -15.72
C PHE C 74 -8.87 -5.26 -17.07
N ALA C 75 -7.61 -5.43 -17.56
CA ALA C 75 -7.32 -6.16 -18.79
C ALA C 75 -7.76 -7.62 -18.66
N ILE C 76 -7.61 -8.23 -17.45
CA ILE C 76 -8.05 -9.60 -17.18
C ILE C 76 -9.59 -9.66 -17.24
N LYS C 77 -10.27 -8.73 -16.53
CA LYS C 77 -11.72 -8.61 -16.51
C LYS C 77 -12.25 -8.53 -17.97
N VAL C 78 -11.64 -7.67 -18.82
CA VAL C 78 -12.05 -7.50 -20.22
C VAL C 78 -11.80 -8.80 -21.02
N ALA C 79 -10.65 -9.48 -20.81
CA ALA C 79 -10.36 -10.78 -21.45
C ALA C 79 -11.48 -11.80 -21.13
N GLU C 80 -11.96 -11.80 -19.87
CA GLU C 80 -13.05 -12.67 -19.40
C GLU C 80 -14.36 -12.38 -20.12
N GLU C 81 -14.70 -11.08 -20.27
CA GLU C 81 -15.93 -10.61 -20.94
C GLU C 81 -15.92 -11.00 -22.42
N VAL C 82 -14.76 -10.82 -23.11
CA VAL C 82 -14.59 -11.17 -24.52
C VAL C 82 -14.82 -12.67 -24.72
N LEU C 83 -14.19 -13.50 -23.86
CA LEU C 83 -14.33 -14.96 -23.89
C LEU C 83 -15.79 -15.38 -23.65
N TRP C 84 -16.46 -14.76 -22.64
CA TRP C 84 -17.88 -15.01 -22.32
C TRP C 84 -18.79 -14.63 -23.51
N SEP C 85 -18.45 -13.55 -24.25
CA SEP C 85 -19.21 -13.10 -25.42
CB SEP C 85 -18.87 -11.69 -25.92
OG SEP C 85 -18.76 -11.53 -27.38
C SEP C 85 -19.13 -14.14 -26.56
O SEP C 85 -20.12 -14.35 -27.26
P SEP C 85 -20.04 -11.00 -28.14
O1P SEP C 85 -21.02 -10.18 -27.29
O2P SEP C 85 -19.62 -10.25 -29.39
O3P SEP C 85 -20.84 -12.16 -28.69
N HIS C 86 -17.95 -14.80 -26.70
CA HIS C 86 -17.53 -15.83 -27.68
C HIS C 86 -16.90 -15.19 -28.92
C1 GOL D . 12.06 5.09 12.15
O1 GOL D . 12.45 3.74 11.94
C2 GOL D . 10.87 5.15 13.08
O2 GOL D . 9.71 4.70 12.40
C3 GOL D . 10.66 6.57 13.57
O3 GOL D . 10.50 6.60 14.99
C1 GOL E . 1.61 11.58 0.30
O1 GOL E . 2.84 11.65 -0.42
C2 GOL E . 0.86 12.88 0.20
O2 GOL E . -0.56 12.65 0.24
C3 GOL E . 1.26 13.84 1.30
O3 GOL E . 2.65 14.10 1.29
C1 GOL F . -4.25 2.84 12.14
O1 GOL F . -4.69 3.62 13.25
C2 GOL F . -3.84 1.45 12.54
O2 GOL F . -4.14 1.20 13.93
C3 GOL F . -2.36 1.21 12.29
O3 GOL F . -1.92 -0.04 12.81
C1 GOL G . -9.06 -6.79 -25.02
O1 GOL G . -8.63 -6.75 -26.37
C2 GOL G . -8.06 -7.56 -24.20
O2 GOL G . -8.32 -8.97 -24.32
C3 GOL G . -8.12 -7.16 -22.74
O3 GOL G . -7.08 -7.81 -22.03
C1 GOL H . 15.81 -9.73 -9.44
O1 GOL H . 15.04 -10.92 -9.54
C2 GOL H . 15.55 -8.84 -10.62
O2 GOL H . 16.71 -8.06 -10.94
C3 GOL H . 14.42 -7.91 -10.31
O3 GOL H . 13.48 -7.93 -11.38
#